data_5UGZ
#
_entry.id   5UGZ
#
_cell.length_a   44.971
_cell.length_b   94.994
_cell.length_c   68.444
_cell.angle_alpha   90.00
_cell.angle_beta   109.18
_cell.angle_gamma   90.00
#
_symmetry.space_group_name_H-M   'P 1 21 1'
#
loop_
_entity.id
_entity.type
_entity.pdbx_description
1 polymer 'Putative thioesterase'
2 non-polymer BETA-MERCAPTOETHANOL
3 water water
#
_entity_poly.entity_id   1
_entity_poly.type   'polypeptide(L)'
_entity_poly.pdbx_seq_one_letter_code
;MGSSHHHHHHSSGLVPRGSHMSNISLYCLPYSGGSAAMYYKWRSVLSDNITLRPLEPAGRGTRIRQPLCLTMVDAVADLY
QQFVKHYTGGDYAIFGHSLGGIMAFELVHYILDHGHDMPCALFFSGCRPPDRASHEVILHTLPDQAFMEEIVKLGGTPVD
VFRNKELMTIFTPIIKNDYRLYEQYVFQAKARTLTCPIVLFHGDADNLVMQDELLAWEKFTTRKTRTIIFPAADHFFVDK
HFEQVVGYVNQTIESLEIVG
;
_entity_poly.pdbx_strand_id   A,B
#
# COMPACT_ATOMS: atom_id res chain seq x y z
N SER A 22 -18.89 6.73 -20.54
CA SER A 22 -19.28 6.35 -19.18
C SER A 22 -18.05 5.95 -18.39
N ASN A 23 -18.22 5.58 -17.12
CA ASN A 23 -17.14 5.04 -16.30
C ASN A 23 -17.46 3.60 -15.90
N ILE A 24 -16.40 2.82 -15.66
CA ILE A 24 -16.54 1.45 -15.18
C ILE A 24 -15.53 1.22 -14.07
N SER A 25 -15.98 0.63 -12.97
CA SER A 25 -15.12 0.32 -11.85
C SER A 25 -14.70 -1.14 -11.92
N LEU A 26 -13.40 -1.37 -11.78
CA LEU A 26 -12.79 -2.70 -11.79
C LEU A 26 -12.34 -3.02 -10.37
N TYR A 27 -13.07 -3.93 -9.72
CA TYR A 27 -12.74 -4.44 -8.39
C TYR A 27 -11.75 -5.58 -8.53
N CYS A 28 -10.61 -5.48 -7.84
CA CYS A 28 -9.57 -6.49 -7.93
C CYS A 28 -9.34 -7.14 -6.57
N LEU A 29 -9.24 -8.48 -6.57
CA LEU A 29 -8.99 -9.24 -5.36
C LEU A 29 -7.63 -9.91 -5.45
N PRO A 30 -6.83 -9.88 -4.39
CA PRO A 30 -5.46 -10.42 -4.46
C PRO A 30 -5.40 -11.93 -4.24
N TYR A 31 -4.24 -12.48 -4.53
CA TYR A 31 -4.00 -13.90 -4.32
C TYR A 31 -3.70 -14.18 -2.84
N SER A 32 -3.42 -15.44 -2.51
CA SER A 32 -3.20 -15.86 -1.13
C SER A 32 -1.97 -15.18 -0.53
N GLY A 33 -2.12 -14.63 0.69
CA GLY A 33 -1.09 -13.85 1.32
C GLY A 33 -0.96 -12.42 0.80
N GLY A 34 -1.65 -12.08 -0.30
CA GLY A 34 -1.49 -10.79 -0.92
C GLY A 34 -2.40 -9.71 -0.35
N SER A 35 -2.14 -8.48 -0.78
CA SER A 35 -2.90 -7.31 -0.37
C SER A 35 -3.32 -6.53 -1.60
N ALA A 36 -4.23 -5.57 -1.40
CA ALA A 36 -4.70 -4.72 -2.48
C ALA A 36 -3.55 -4.00 -3.19
N ALA A 37 -2.43 -3.78 -2.50
CA ALA A 37 -1.35 -3.00 -3.11
C ALA A 37 -0.73 -3.69 -4.33
N MET A 38 -0.95 -5.00 -4.51
CA MET A 38 -0.42 -5.62 -5.72
C MET A 38 -1.01 -4.98 -6.98
N TYR A 39 -2.18 -4.36 -6.85
CA TYR A 39 -2.90 -3.76 -7.97
C TYR A 39 -2.69 -2.26 -8.08
N TYR A 40 -1.97 -1.62 -7.13
CA TYR A 40 -1.77 -0.17 -7.22
C TYR A 40 -1.10 0.20 -8.55
N LYS A 41 -0.15 -0.62 -9.01
CA LYS A 41 0.61 -0.35 -10.23
C LYS A 41 -0.25 -0.45 -11.48
N TRP A 42 -1.43 -1.07 -11.39
CA TRP A 42 -2.32 -1.19 -12.53
C TRP A 42 -2.81 0.17 -13.02
N ARG A 43 -2.79 1.19 -12.16
CA ARG A 43 -3.28 2.50 -12.57
C ARG A 43 -2.38 3.18 -13.59
N SER A 44 -1.24 2.60 -13.93
CA SER A 44 -0.37 3.18 -14.94
C SER A 44 -0.62 2.62 -16.34
N VAL A 45 -1.45 1.58 -16.48
CA VAL A 45 -1.75 0.99 -17.78
C VAL A 45 -3.25 0.86 -18.05
N LEU A 46 -4.10 0.89 -17.02
CA LEU A 46 -5.53 0.74 -17.23
C LEU A 46 -6.10 1.88 -18.05
N SER A 47 -7.20 1.59 -18.75
CA SER A 47 -7.83 2.57 -19.61
C SER A 47 -8.33 3.74 -18.79
N ASP A 48 -8.29 4.93 -19.37
CA ASP A 48 -8.53 6.14 -18.60
C ASP A 48 -9.96 6.24 -18.05
N ASN A 49 -10.93 5.55 -18.65
CA ASN A 49 -12.27 5.50 -18.09
C ASN A 49 -12.52 4.26 -17.26
N ILE A 50 -11.47 3.64 -16.71
CA ILE A 50 -11.61 2.53 -15.76
C ILE A 50 -11.09 3.03 -14.42
N THR A 51 -11.94 2.99 -13.41
CA THR A 51 -11.56 3.37 -12.05
C THR A 51 -11.14 2.13 -11.28
N LEU A 52 -9.89 2.12 -10.84
CA LEU A 52 -9.35 0.99 -10.11
C LEU A 52 -9.89 0.96 -8.69
N ARG A 53 -10.41 -0.19 -8.26
CA ARG A 53 -11.02 -0.37 -6.95
C ARG A 53 -10.49 -1.64 -6.29
N PRO A 54 -9.24 -1.62 -5.84
CA PRO A 54 -8.69 -2.78 -5.14
C PRO A 54 -9.46 -3.05 -3.87
N LEU A 55 -9.80 -4.31 -3.64
CA LEU A 55 -10.55 -4.70 -2.45
C LEU A 55 -9.59 -5.36 -1.47
N GLU A 56 -9.49 -4.80 -0.27
CA GLU A 56 -8.55 -5.27 0.73
C GLU A 56 -9.19 -6.33 1.61
N PRO A 57 -8.78 -7.59 1.53
CA PRO A 57 -9.22 -8.60 2.50
C PRO A 57 -8.76 -8.26 3.90
N ALA A 58 -9.51 -8.71 4.90
CA ALA A 58 -9.25 -8.35 6.27
C ALA A 58 -7.95 -8.98 6.77
N GLY A 59 -7.26 -8.25 7.65
CA GLY A 59 -6.08 -8.77 8.32
C GLY A 59 -4.77 -8.66 7.55
N ARG A 60 -4.71 -7.85 6.50
CA ARG A 60 -3.43 -7.57 5.86
C ARG A 60 -3.55 -6.22 5.17
N GLY A 61 -2.41 -5.67 4.75
CA GLY A 61 -2.43 -4.41 4.02
C GLY A 61 -3.04 -3.29 4.84
N THR A 62 -3.91 -2.50 4.20
CA THR A 62 -4.54 -1.38 4.87
C THR A 62 -5.54 -1.84 5.93
N ARG A 63 -5.87 -3.12 5.98
CA ARG A 63 -6.83 -3.63 6.94
C ARG A 63 -6.16 -4.64 7.85
N ILE A 64 -4.90 -4.35 8.21
CA ILE A 64 -4.07 -5.23 9.03
C ILE A 64 -4.64 -5.34 10.44
N ARG A 65 -5.38 -4.34 10.90
CA ARG A 65 -5.90 -4.42 12.26
C ARG A 65 -7.15 -5.29 12.36
N GLN A 66 -7.74 -5.65 11.24
CA GLN A 66 -8.98 -6.43 11.23
C GLN A 66 -8.66 -7.90 11.41
N PRO A 67 -9.47 -8.62 12.20
CA PRO A 67 -9.24 -10.07 12.34
C PRO A 67 -9.28 -10.77 10.99
N LEU A 68 -8.53 -11.86 10.88
CA LEU A 68 -8.52 -12.65 9.66
C LEU A 68 -9.84 -13.39 9.50
N CYS A 69 -10.26 -13.60 8.26
CA CYS A 69 -11.51 -14.30 7.97
C CYS A 69 -11.50 -15.70 8.56
N LEU A 70 -12.69 -16.23 8.83
CA LEU A 70 -12.83 -17.56 9.40
C LEU A 70 -13.19 -18.58 8.32
N THR A 71 -14.12 -18.20 7.44
CA THR A 71 -14.55 -19.08 6.36
C THR A 71 -14.83 -18.30 5.08
N MET A 72 -14.74 -18.99 3.95
CA MET A 72 -14.98 -18.37 2.65
C MET A 72 -16.24 -17.53 2.66
N VAL A 73 -17.30 -18.00 3.33
CA VAL A 73 -18.53 -17.21 3.32
C VAL A 73 -18.35 -15.93 4.11
N ASP A 74 -17.61 -16.00 5.23
CA ASP A 74 -17.34 -14.78 6.01
C ASP A 74 -16.43 -13.83 5.24
N ALA A 75 -15.43 -14.37 4.56
CA ALA A 75 -14.53 -13.54 3.76
C ALA A 75 -15.27 -12.86 2.61
N VAL A 76 -16.28 -13.52 2.03
CA VAL A 76 -17.07 -12.92 0.95
C VAL A 76 -17.95 -11.79 1.49
N ALA A 77 -18.62 -12.01 2.62
CA ALA A 77 -19.39 -10.96 3.27
C ALA A 77 -18.52 -9.75 3.61
N ASP A 78 -17.29 -10.01 4.08
CA ASP A 78 -16.33 -8.96 4.39
C ASP A 78 -16.02 -8.11 3.15
N LEU A 79 -15.73 -8.77 2.02
CA LEU A 79 -15.41 -8.01 0.79
C LEU A 79 -16.63 -7.26 0.25
N TYR A 80 -17.82 -7.87 0.32
CA TYR A 80 -19.02 -7.15 -0.09
C TYR A 80 -19.16 -5.83 0.64
N GLN A 81 -18.85 -5.80 1.95
CA GLN A 81 -18.88 -4.53 2.68
C GLN A 81 -17.88 -3.54 2.09
N GLN A 82 -16.73 -4.03 1.62
CA GLN A 82 -15.79 -3.17 0.93
C GLN A 82 -16.40 -2.67 -0.38
N PHE A 83 -16.88 -3.61 -1.19
CA PHE A 83 -17.51 -3.31 -2.48
C PHE A 83 -18.50 -2.16 -2.37
N VAL A 84 -19.36 -2.17 -1.34
CA VAL A 84 -20.45 -1.21 -1.27
C VAL A 84 -19.96 0.12 -0.68
N LYS A 85 -18.64 0.27 -0.53
CA LYS A 85 -18.10 1.57 -0.17
C LYS A 85 -17.89 2.47 -1.37
N HIS A 86 -17.88 1.91 -2.59
CA HIS A 86 -17.72 2.70 -3.81
C HIS A 86 -18.70 2.31 -4.91
N TYR A 87 -19.67 1.44 -4.65
CA TYR A 87 -20.53 0.92 -5.71
C TYR A 87 -21.87 1.66 -5.73
N THR A 88 -22.15 2.34 -6.84
CA THR A 88 -23.33 3.17 -6.93
C THR A 88 -24.32 2.73 -8.01
N GLY A 89 -24.04 1.65 -8.73
CA GLY A 89 -24.97 1.10 -9.71
C GLY A 89 -24.50 1.12 -11.15
N GLY A 90 -23.32 1.63 -11.50
CA GLY A 90 -22.89 1.66 -12.88
C GLY A 90 -22.35 0.33 -13.36
N ASP A 91 -21.57 0.39 -14.44
CA ASP A 91 -20.85 -0.78 -14.94
C ASP A 91 -19.68 -1.16 -14.03
N TYR A 92 -19.41 -2.46 -13.96
CA TYR A 92 -18.27 -2.91 -13.17
C TYR A 92 -17.82 -4.28 -13.65
N ALA A 93 -16.57 -4.60 -13.37
CA ALA A 93 -15.97 -5.91 -13.61
C ALA A 93 -15.29 -6.36 -12.33
N ILE A 94 -14.88 -7.62 -12.29
CA ILE A 94 -14.18 -8.19 -11.15
C ILE A 94 -13.01 -9.02 -11.64
N PHE A 95 -11.82 -8.75 -11.11
CA PHE A 95 -10.62 -9.52 -11.38
C PHE A 95 -10.14 -10.10 -10.07
N GLY A 96 -9.74 -11.37 -10.08
CA GLY A 96 -9.11 -11.98 -8.93
C GLY A 96 -8.09 -12.98 -9.39
N HIS A 97 -7.00 -13.12 -8.64
CA HIS A 97 -5.95 -14.09 -8.93
C HIS A 97 -5.97 -15.18 -7.86
N SER A 98 -5.98 -16.43 -8.30
CA SER A 98 -5.91 -17.62 -7.44
C SER A 98 -7.05 -17.60 -6.42
N LEU A 99 -6.78 -17.55 -5.11
CA LEU A 99 -7.83 -17.45 -4.11
C LEU A 99 -8.74 -16.26 -4.40
N GLY A 100 -8.15 -15.16 -4.86
CA GLY A 100 -8.94 -14.01 -5.24
C GLY A 100 -9.90 -14.31 -6.36
N GLY A 101 -9.61 -15.33 -7.16
CA GLY A 101 -10.49 -15.72 -8.25
C GLY A 101 -11.69 -16.51 -7.76
N ILE A 102 -11.46 -17.43 -6.80
CA ILE A 102 -12.55 -18.13 -6.12
C ILE A 102 -13.42 -17.14 -5.37
N MET A 103 -12.79 -16.19 -4.69
CA MET A 103 -13.53 -15.16 -3.98
C MET A 103 -14.28 -14.26 -4.95
N ALA A 104 -13.67 -13.91 -6.09
CA ALA A 104 -14.39 -13.16 -7.11
C ALA A 104 -15.62 -13.91 -7.59
N PHE A 105 -15.49 -15.22 -7.81
CA PHE A 105 -16.64 -16.01 -8.24
C PHE A 105 -17.75 -16.00 -7.21
N GLU A 106 -17.41 -16.26 -5.95
CA GLU A 106 -18.40 -16.32 -4.88
C GLU A 106 -18.99 -14.94 -4.60
N LEU A 107 -18.17 -13.90 -4.71
CA LEU A 107 -18.60 -12.52 -4.47
C LEU A 107 -19.59 -12.03 -5.52
N VAL A 108 -19.40 -12.36 -6.80
CA VAL A 108 -20.34 -11.90 -7.82
C VAL A 108 -21.72 -12.49 -7.55
N HIS A 109 -21.78 -13.78 -7.27
CA HIS A 109 -23.09 -14.36 -6.97
C HIS A 109 -23.69 -13.78 -5.70
N TYR A 110 -22.86 -13.41 -4.72
CA TYR A 110 -23.34 -12.78 -3.49
C TYR A 110 -23.85 -11.36 -3.78
N ILE A 111 -23.18 -10.64 -4.68
CA ILE A 111 -23.69 -9.35 -5.15
C ILE A 111 -25.04 -9.53 -5.81
N LEU A 112 -25.12 -10.50 -6.74
CA LEU A 112 -26.38 -10.78 -7.43
C LEU A 112 -27.49 -11.18 -6.44
N ASP A 113 -27.17 -12.03 -5.45
CA ASP A 113 -28.13 -12.34 -4.39
C ASP A 113 -28.65 -11.10 -3.66
N HIS A 114 -27.89 -10.01 -3.67
CA HIS A 114 -28.33 -8.77 -3.06
C HIS A 114 -29.17 -7.90 -3.99
N GLY A 115 -29.28 -8.25 -5.25
CA GLY A 115 -30.09 -7.48 -6.17
C GLY A 115 -29.35 -6.43 -6.96
N HIS A 116 -28.03 -6.51 -7.07
CA HIS A 116 -27.29 -5.64 -7.97
C HIS A 116 -27.31 -6.21 -9.37
N ASP A 117 -26.94 -5.38 -10.34
CA ASP A 117 -26.89 -5.84 -11.73
C ASP A 117 -25.68 -6.73 -11.95
N MET A 118 -25.72 -7.41 -13.11
CA MET A 118 -24.63 -8.28 -13.55
C MET A 118 -23.40 -7.45 -13.89
N PRO A 119 -22.18 -7.91 -13.56
CA PRO A 119 -20.98 -7.25 -14.05
C PRO A 119 -20.91 -7.24 -15.57
N CYS A 120 -20.05 -6.35 -16.09
CA CYS A 120 -19.69 -6.33 -17.53
C CYS A 120 -18.99 -7.62 -17.94
N ALA A 121 -17.99 -8.01 -17.16
CA ALA A 121 -17.07 -9.09 -17.45
C ALA A 121 -16.40 -9.49 -16.15
N LEU A 122 -15.85 -10.69 -16.15
CA LEU A 122 -15.19 -11.29 -15.00
C LEU A 122 -13.89 -11.89 -15.48
N PHE A 123 -12.83 -11.72 -14.68
CA PHE A 123 -11.49 -12.21 -14.99
C PHE A 123 -11.07 -13.13 -13.85
N PHE A 124 -10.77 -14.38 -14.17
CA PHE A 124 -10.27 -15.33 -13.19
C PHE A 124 -8.86 -15.71 -13.63
N SER A 125 -7.89 -15.20 -12.88
CA SER A 125 -6.48 -15.37 -13.19
C SER A 125 -5.87 -16.43 -12.28
N GLY A 126 -5.06 -17.32 -12.86
CA GLY A 126 -4.37 -18.35 -12.09
C GLY A 126 -5.31 -19.13 -11.19
N CYS A 127 -6.47 -19.49 -11.71
CA CYS A 127 -7.58 -19.97 -10.88
C CYS A 127 -8.21 -21.16 -11.57
N ARG A 128 -8.13 -22.33 -10.93
CA ARG A 128 -8.81 -23.52 -11.42
C ARG A 128 -10.33 -23.35 -11.24
N PRO A 129 -11.13 -24.10 -11.99
CA PRO A 129 -12.57 -23.88 -11.96
C PRO A 129 -13.13 -24.09 -10.58
N PRO A 130 -14.17 -23.35 -10.20
CA PRO A 130 -14.65 -23.42 -8.81
C PRO A 130 -15.15 -24.80 -8.42
N ASP A 131 -15.70 -25.58 -9.35
CA ASP A 131 -16.12 -26.94 -9.03
C ASP A 131 -14.96 -27.94 -8.97
N ARG A 132 -13.77 -27.55 -9.42
CA ARG A 132 -12.58 -28.36 -9.29
C ARG A 132 -11.52 -27.71 -8.44
N ALA A 133 -11.76 -26.50 -7.94
CA ALA A 133 -10.82 -25.80 -7.07
C ALA A 133 -10.67 -26.56 -5.76
N SER A 134 -10.12 -27.76 -5.83
CA SER A 134 -9.76 -28.56 -4.67
C SER A 134 -8.25 -28.51 -4.48
N HIS A 135 -7.82 -28.63 -3.23
CA HIS A 135 -6.41 -28.85 -2.93
C HIS A 135 -6.13 -30.35 -2.92
N GLU A 136 -5.17 -30.77 -3.74
CA GLU A 136 -4.65 -32.14 -3.71
C GLU A 136 -3.95 -32.45 -2.41
N VAL A 137 -3.75 -31.45 -1.55
CA VAL A 137 -3.14 -31.62 -0.25
C VAL A 137 -3.73 -30.59 0.69
N ILE A 138 -3.80 -30.94 1.97
CA ILE A 138 -4.17 -30.00 3.02
C ILE A 138 -2.85 -29.54 3.64
N LEU A 139 -2.38 -28.36 3.23
CA LEU A 139 -1.14 -27.79 3.73
C LEU A 139 -1.33 -26.93 4.96
N HIS A 140 -2.50 -26.32 5.11
CA HIS A 140 -2.66 -25.32 6.15
C HIS A 140 -2.49 -25.89 7.55
N THR A 141 -2.58 -27.21 7.72
CA THR A 141 -2.40 -27.84 9.03
C THR A 141 -0.95 -28.25 9.31
N LEU A 142 -0.03 -27.97 8.40
CA LEU A 142 1.38 -28.20 8.65
C LEU A 142 1.93 -27.14 9.60
N PRO A 143 2.86 -27.53 10.48
CA PRO A 143 3.62 -26.54 11.25
C PRO A 143 4.09 -25.41 10.33
N ASP A 144 4.19 -24.21 10.90
CA ASP A 144 4.47 -23.03 10.08
C ASP A 144 5.73 -23.24 9.25
N GLN A 145 6.78 -23.77 9.86
CA GLN A 145 8.05 -23.94 9.14
C GLN A 145 7.88 -24.87 7.94
N ALA A 146 7.19 -26.00 8.15
CA ALA A 146 6.99 -26.95 7.05
C ALA A 146 6.04 -26.40 5.98
N PHE A 147 5.03 -25.64 6.39
CA PHE A 147 4.11 -25.02 5.42
C PHE A 147 4.87 -24.11 4.47
N MET A 148 5.64 -23.16 5.02
CA MET A 148 6.31 -22.17 4.17
C MET A 148 7.33 -22.82 3.25
N GLU A 149 7.99 -23.89 3.71
CA GLU A 149 8.89 -24.60 2.82
C GLU A 149 8.11 -25.25 1.68
N GLU A 150 6.93 -25.78 1.98
CA GLU A 150 6.16 -26.44 0.93
C GLU A 150 5.65 -25.43 -0.09
N ILE A 151 5.23 -24.24 0.34
CA ILE A 151 4.65 -23.33 -0.64
C ILE A 151 5.73 -22.62 -1.43
N VAL A 152 6.92 -22.43 -0.83
CA VAL A 152 8.08 -22.02 -1.62
C VAL A 152 8.41 -23.10 -2.65
N LYS A 153 8.29 -24.37 -2.28
CA LYS A 153 8.56 -25.44 -3.23
C LYS A 153 7.54 -25.43 -4.37
N LEU A 154 6.28 -25.10 -4.07
CA LEU A 154 5.22 -25.15 -5.08
C LEU A 154 5.13 -23.89 -5.93
N GLY A 155 5.91 -22.85 -5.63
CA GLY A 155 5.74 -21.57 -6.31
C GLY A 155 4.46 -20.84 -5.93
N GLY A 156 3.94 -21.08 -4.72
CA GLY A 156 2.79 -20.38 -4.17
C GLY A 156 3.14 -19.09 -3.45
N THR A 157 4.39 -18.68 -3.55
CA THR A 157 4.94 -17.42 -3.07
C THR A 157 6.39 -17.34 -3.56
N PRO A 158 6.94 -16.12 -3.67
CA PRO A 158 8.32 -16.00 -4.17
C PRO A 158 9.37 -16.52 -3.19
N VAL A 159 10.42 -17.16 -3.73
CA VAL A 159 11.40 -17.86 -2.92
C VAL A 159 12.29 -16.90 -2.14
N ASP A 160 12.32 -15.64 -2.51
CA ASP A 160 13.06 -14.65 -1.75
C ASP A 160 12.35 -14.28 -0.45
N VAL A 161 11.42 -15.11 0.00
CA VAL A 161 10.69 -14.83 1.24
C VAL A 161 11.47 -15.32 2.46
N PHE A 162 12.27 -16.38 2.30
CA PHE A 162 13.11 -16.90 3.38
C PHE A 162 14.36 -16.05 3.61
N ARG A 163 14.66 -15.09 2.74
CA ARG A 163 15.81 -14.23 2.95
C ARG A 163 15.64 -13.40 4.22
N ASN A 164 14.53 -12.71 4.34
CA ASN A 164 14.24 -11.92 5.53
C ASN A 164 13.36 -12.77 6.45
N LYS A 165 13.97 -13.25 7.55
CA LYS A 165 13.22 -14.01 8.54
C LYS A 165 12.36 -13.12 9.42
N GLU A 166 12.69 -11.83 9.50
CA GLU A 166 11.75 -10.85 10.04
C GLU A 166 10.45 -10.89 9.26
N LEU A 167 10.55 -10.65 7.95
CA LEU A 167 9.38 -10.67 7.08
C LEU A 167 8.57 -11.93 7.28
N MET A 168 9.22 -13.09 7.36
CA MET A 168 8.48 -14.34 7.39
C MET A 168 7.62 -14.46 8.64
N THR A 169 8.17 -14.09 9.79
CA THR A 169 7.41 -14.18 11.04
C THR A 169 6.05 -13.50 10.91
N ILE A 170 6.02 -12.22 10.52
CA ILE A 170 4.76 -11.48 10.44
C ILE A 170 3.90 -12.00 9.29
N PHE A 171 4.52 -12.51 8.23
CA PHE A 171 3.80 -12.85 7.01
C PHE A 171 3.17 -14.23 7.08
N THR A 172 3.77 -15.17 7.79
CA THR A 172 3.31 -16.55 7.72
C THR A 172 1.85 -16.72 8.13
N PRO A 173 1.38 -16.19 9.27
CA PRO A 173 -0.03 -16.37 9.62
C PRO A 173 -1.00 -15.91 8.53
N ILE A 174 -0.65 -14.86 7.80
CA ILE A 174 -1.56 -14.30 6.81
C ILE A 174 -1.74 -15.25 5.64
N ILE A 175 -0.63 -15.69 5.02
CA ILE A 175 -0.70 -16.60 3.87
C ILE A 175 -1.25 -17.97 4.27
N LYS A 176 -0.98 -18.42 5.50
CA LYS A 176 -1.50 -19.70 5.97
C LYS A 176 -3.02 -19.65 6.13
N ASN A 177 -3.53 -18.52 6.63
CA ASN A 177 -4.97 -18.31 6.71
C ASN A 177 -5.62 -18.38 5.34
N ASP A 178 -5.02 -17.71 4.34
CA ASP A 178 -5.60 -17.72 3.00
C ASP A 178 -5.56 -19.10 2.38
N TYR A 179 -4.55 -19.91 2.70
CA TYR A 179 -4.59 -21.29 2.27
C TYR A 179 -5.71 -22.05 2.96
N ARG A 180 -5.91 -21.79 4.26
CA ARG A 180 -7.01 -22.42 4.98
C ARG A 180 -8.34 -22.12 4.30
N LEU A 181 -8.57 -20.86 3.94
CA LEU A 181 -9.80 -20.50 3.23
C LEU A 181 -9.96 -21.31 1.96
N TYR A 182 -8.89 -21.41 1.16
CA TYR A 182 -9.07 -22.08 -0.13
C TYR A 182 -9.17 -23.60 0.03
N GLU A 183 -8.49 -24.17 1.03
CA GLU A 183 -8.52 -25.62 1.23
C GLU A 183 -9.82 -26.10 1.83
N GLN A 184 -10.41 -25.34 2.74
CA GLN A 184 -11.70 -25.74 3.29
C GLN A 184 -12.86 -25.35 2.40
N TYR A 185 -12.57 -24.80 1.23
CA TYR A 185 -13.62 -24.35 0.34
C TYR A 185 -14.35 -25.55 -0.27
N VAL A 186 -15.68 -25.50 -0.25
CA VAL A 186 -16.54 -26.54 -0.78
C VAL A 186 -17.53 -25.90 -1.73
N PHE A 187 -17.38 -26.17 -3.03
CA PHE A 187 -18.28 -25.58 -4.02
C PHE A 187 -19.72 -26.05 -3.81
N GLN A 188 -20.67 -25.12 -3.83
CA GLN A 188 -22.07 -25.49 -3.97
C GLN A 188 -22.67 -24.74 -5.16
N ALA A 189 -23.29 -25.49 -6.07
CA ALA A 189 -23.94 -24.90 -7.24
C ALA A 189 -24.81 -23.70 -6.88
N LYS A 190 -25.02 -22.83 -7.87
CA LYS A 190 -25.66 -21.53 -7.69
C LYS A 190 -27.08 -21.51 -8.27
N ALA A 191 -27.79 -20.43 -7.98
CA ALA A 191 -29.17 -20.26 -8.42
C ALA A 191 -29.29 -19.59 -9.79
N ARG A 192 -28.19 -19.44 -10.52
CA ARG A 192 -28.22 -18.61 -11.71
C ARG A 192 -26.94 -18.83 -12.48
N THR A 193 -27.04 -18.71 -13.80
CA THR A 193 -25.88 -18.71 -14.68
C THR A 193 -25.51 -17.26 -14.97
N LEU A 194 -24.23 -16.93 -14.78
CA LEU A 194 -23.75 -15.62 -15.17
C LEU A 194 -24.05 -15.39 -16.65
N THR A 195 -24.28 -14.12 -17.01
CA THR A 195 -24.55 -13.73 -18.39
C THR A 195 -23.54 -12.69 -18.90
N CYS A 196 -22.30 -12.77 -18.44
CA CYS A 196 -21.24 -11.90 -18.91
C CYS A 196 -20.08 -12.75 -19.39
N PRO A 197 -19.18 -12.18 -20.18
CA PRO A 197 -18.01 -12.95 -20.61
C PRO A 197 -17.06 -13.22 -19.47
N ILE A 198 -16.44 -14.40 -19.50
CA ILE A 198 -15.40 -14.80 -18.56
C ILE A 198 -14.07 -14.82 -19.31
N VAL A 199 -13.05 -14.20 -18.74
CA VAL A 199 -11.69 -14.27 -19.29
C VAL A 199 -10.82 -14.97 -18.27
N LEU A 200 -10.06 -15.96 -18.73
CA LEU A 200 -9.19 -16.76 -17.89
C LEU A 200 -7.73 -16.47 -18.25
N PHE A 201 -6.90 -16.25 -17.24
CA PHE A 201 -5.47 -16.00 -17.39
C PHE A 201 -4.68 -17.13 -16.76
N HIS A 202 -3.66 -17.60 -17.48
CA HIS A 202 -2.93 -18.80 -17.11
C HIS A 202 -1.49 -18.63 -17.54
N GLY A 203 -0.54 -18.93 -16.64
CA GLY A 203 0.85 -19.03 -17.01
C GLY A 203 1.20 -20.47 -17.29
N ASP A 204 1.73 -20.73 -18.51
CA ASP A 204 1.90 -22.10 -18.97
C ASP A 204 2.80 -22.93 -18.06
N ALA A 205 3.72 -22.29 -17.34
CA ALA A 205 4.57 -22.97 -16.38
C ALA A 205 4.00 -22.98 -14.97
N ASP A 206 2.72 -22.62 -14.82
CA ASP A 206 2.11 -22.57 -13.49
C ASP A 206 1.85 -24.00 -13.01
N ASN A 207 2.51 -24.37 -11.90
CA ASN A 207 2.34 -25.71 -11.34
C ASN A 207 1.04 -25.88 -10.55
N LEU A 208 0.43 -24.79 -10.10
CA LEU A 208 -0.76 -24.87 -9.26
C LEU A 208 -2.05 -24.78 -10.04
N VAL A 209 -1.99 -24.59 -11.35
CA VAL A 209 -3.19 -24.52 -12.18
C VAL A 209 -3.03 -25.51 -13.32
N MET A 210 -4.00 -26.40 -13.46
CA MET A 210 -3.99 -27.41 -14.51
C MET A 210 -4.73 -26.87 -15.73
N GLN A 211 -3.98 -26.52 -16.77
CA GLN A 211 -4.55 -25.97 -18.00
C GLN A 211 -5.73 -26.79 -18.56
N ASP A 212 -5.58 -28.11 -18.57
CA ASP A 212 -6.62 -28.98 -19.10
C ASP A 212 -7.95 -28.80 -18.38
N GLU A 213 -7.92 -28.34 -17.12
CA GLU A 213 -9.11 -28.28 -16.30
C GLU A 213 -9.99 -27.06 -16.57
N LEU A 214 -9.44 -26.03 -17.21
CA LEU A 214 -10.12 -24.74 -17.32
C LEU A 214 -11.33 -24.79 -18.22
N LEU A 215 -11.53 -25.89 -18.94
CA LEU A 215 -12.75 -26.05 -19.73
C LEU A 215 -13.98 -26.16 -18.85
N ALA A 216 -13.81 -26.53 -17.57
CA ALA A 216 -14.90 -26.58 -16.62
C ALA A 216 -15.41 -25.20 -16.23
N TRP A 217 -14.78 -24.14 -16.74
CA TRP A 217 -15.21 -22.78 -16.44
C TRP A 217 -16.39 -22.33 -17.28
N GLU A 218 -16.65 -22.98 -18.42
CA GLU A 218 -17.55 -22.43 -19.43
C GLU A 218 -19.02 -22.55 -19.06
N LYS A 219 -19.39 -23.54 -18.25
CA LYS A 219 -20.81 -23.66 -17.88
C LYS A 219 -21.29 -22.57 -16.93
N PHE A 220 -20.39 -21.77 -16.37
CA PHE A 220 -20.75 -20.77 -15.36
C PHE A 220 -21.21 -19.45 -15.94
N THR A 221 -21.18 -19.31 -17.27
CA THR A 221 -21.72 -18.14 -17.95
C THR A 221 -22.38 -18.59 -19.25
N THR A 222 -23.42 -17.86 -19.67
CA THR A 222 -24.00 -18.11 -20.98
C THR A 222 -23.22 -17.46 -22.11
N ARG A 223 -22.25 -16.60 -21.80
CA ARG A 223 -21.49 -15.94 -22.84
C ARG A 223 -20.18 -16.67 -23.07
N LYS A 224 -19.39 -16.09 -23.98
CA LYS A 224 -18.12 -16.67 -24.36
C LYS A 224 -17.16 -16.67 -23.16
N THR A 225 -16.54 -17.81 -22.91
CA THR A 225 -15.32 -17.86 -22.12
C THR A 225 -14.11 -17.72 -23.05
N ARG A 226 -13.06 -17.07 -22.56
CA ARG A 226 -11.86 -16.88 -23.35
C ARG A 226 -10.62 -17.11 -22.50
N THR A 227 -9.66 -17.87 -23.02
CA THR A 227 -8.48 -18.24 -22.27
C THR A 227 -7.22 -17.67 -22.91
N ILE A 228 -6.35 -17.10 -22.08
CA ILE A 228 -5.15 -16.43 -22.52
C ILE A 228 -3.98 -17.05 -21.74
N ILE A 229 -3.07 -17.70 -22.44
CA ILE A 229 -1.96 -18.39 -21.79
C ILE A 229 -0.69 -17.59 -21.98
N PHE A 230 0.02 -17.33 -20.87
CA PHE A 230 1.27 -16.62 -20.92
C PHE A 230 2.41 -17.60 -21.12
N PRO A 231 3.16 -17.52 -22.21
CA PRO A 231 4.25 -18.48 -22.43
C PRO A 231 5.38 -18.23 -21.44
N ALA A 232 5.93 -19.31 -20.91
CA ALA A 232 7.07 -19.23 -19.98
C ALA A 232 6.75 -18.31 -18.80
N ALA A 233 5.68 -18.67 -18.10
CA ALA A 233 5.16 -17.86 -17.01
C ALA A 233 4.70 -18.77 -15.91
N ASP A 234 5.08 -18.46 -14.68
CA ASP A 234 4.68 -19.25 -13.52
C ASP A 234 3.39 -18.72 -12.90
N HIS A 235 3.18 -19.01 -11.63
CA HIS A 235 1.97 -18.56 -10.96
C HIS A 235 1.90 -17.05 -10.88
N PHE A 236 3.03 -16.38 -10.78
CA PHE A 236 3.05 -14.96 -10.52
C PHE A 236 3.31 -14.15 -11.79
N PHE A 237 2.91 -14.71 -12.94
CA PHE A 237 2.82 -13.91 -14.16
C PHE A 237 1.95 -12.69 -13.96
N VAL A 238 0.97 -12.75 -13.05
CA VAL A 238 0.07 -11.62 -12.82
C VAL A 238 0.84 -10.37 -12.38
N ASP A 239 1.98 -10.55 -11.71
CA ASP A 239 2.81 -9.41 -11.36
C ASP A 239 3.87 -9.14 -12.39
N LYS A 240 4.54 -10.19 -12.87
CA LYS A 240 5.68 -10.01 -13.77
C LYS A 240 5.23 -9.46 -15.12
N HIS A 241 4.08 -9.89 -15.61
CA HIS A 241 3.55 -9.44 -16.88
C HIS A 241 2.25 -8.68 -16.68
N PHE A 242 2.17 -7.91 -15.58
CA PHE A 242 0.94 -7.22 -15.28
C PHE A 242 0.53 -6.27 -16.39
N GLU A 243 1.48 -5.76 -17.18
CA GLU A 243 1.10 -4.80 -18.21
C GLU A 243 0.34 -5.47 -19.33
N GLN A 244 0.68 -6.72 -19.65
CA GLN A 244 -0.05 -7.51 -20.64
C GLN A 244 -1.42 -7.90 -20.11
N VAL A 245 -1.48 -8.39 -18.86
CA VAL A 245 -2.76 -8.67 -18.23
C VAL A 245 -3.67 -7.46 -18.32
N VAL A 246 -3.16 -6.27 -17.99
CA VAL A 246 -4.00 -5.10 -18.09
C VAL A 246 -4.26 -4.76 -19.55
N GLY A 247 -3.35 -5.12 -20.45
CA GLY A 247 -3.62 -4.94 -21.87
C GLY A 247 -4.84 -5.70 -22.32
N TYR A 248 -5.02 -6.91 -21.78
CA TYR A 248 -6.18 -7.76 -22.08
C TYR A 248 -7.45 -7.29 -21.36
N VAL A 249 -7.34 -6.90 -20.10
CA VAL A 249 -8.48 -6.30 -19.41
C VAL A 249 -8.98 -5.11 -20.20
N ASN A 250 -8.06 -4.27 -20.70
CA ASN A 250 -8.42 -3.08 -21.45
C ASN A 250 -9.20 -3.45 -22.72
N GLN A 251 -8.70 -4.46 -23.45
CA GLN A 251 -9.30 -4.89 -24.71
C GLN A 251 -10.63 -5.60 -24.51
N THR A 252 -10.78 -6.29 -23.39
CA THR A 252 -12.07 -6.90 -23.04
C THR A 252 -13.14 -5.84 -22.82
N ILE A 253 -12.79 -4.80 -22.05
CA ILE A 253 -13.73 -3.73 -21.73
C ILE A 253 -13.99 -2.84 -22.94
N GLU A 254 -12.93 -2.50 -23.68
CA GLU A 254 -13.11 -1.72 -24.90
C GLU A 254 -14.00 -2.47 -25.88
N SER A 255 -13.88 -3.80 -25.94
CA SER A 255 -14.67 -4.58 -26.88
C SER A 255 -16.15 -4.63 -26.47
N LEU A 256 -16.43 -4.56 -25.16
CA LEU A 256 -17.80 -4.55 -24.65
C LEU A 256 -18.45 -3.18 -24.78
N GLU A 257 -17.67 -2.10 -24.79
CA GLU A 257 -18.24 -0.79 -25.04
C GLU A 257 -18.70 -0.60 -26.48
N ILE A 258 -18.25 -1.46 -27.40
CA ILE A 258 -18.63 -1.38 -28.81
C ILE A 258 -19.88 -2.23 -29.10
N VAL A 259 -19.89 -3.49 -28.67
CA VAL A 259 -20.94 -4.45 -29.05
C VAL A 259 -21.73 -4.99 -27.87
N GLY A 260 -21.43 -4.58 -26.64
CA GLY A 260 -22.11 -5.13 -25.49
C GLY A 260 -21.88 -6.63 -25.37
N SER B 22 27.24 -1.18 16.49
CA SER B 22 25.98 -1.92 16.39
C SER B 22 24.98 -1.15 15.53
N ASN B 23 24.50 -1.76 14.44
CA ASN B 23 23.80 -1.04 13.38
C ASN B 23 22.37 -0.66 13.74
N ILE B 24 22.02 0.60 13.49
CA ILE B 24 20.64 1.07 13.49
C ILE B 24 20.29 1.54 12.09
N SER B 25 19.08 1.20 11.63
CA SER B 25 18.55 1.70 10.37
C SER B 25 17.73 2.96 10.60
N LEU B 26 18.03 4.04 9.87
CA LEU B 26 17.24 5.26 9.92
C LEU B 26 16.43 5.42 8.63
N TYR B 27 15.11 5.26 8.75
CA TYR B 27 14.17 5.39 7.64
C TYR B 27 13.65 6.82 7.58
N CYS B 28 13.77 7.44 6.42
CA CYS B 28 13.53 8.87 6.24
C CYS B 28 12.46 9.11 5.18
N LEU B 29 11.45 9.91 5.52
CA LEU B 29 10.31 10.22 4.66
C LEU B 29 10.29 11.70 4.28
N PRO B 30 10.10 12.03 3.00
CA PRO B 30 10.20 13.42 2.57
C PRO B 30 8.93 14.23 2.82
N TYR B 31 9.08 15.55 2.72
CA TYR B 31 7.95 16.46 2.80
C TYR B 31 7.22 16.53 1.44
N SER B 32 6.11 17.25 1.40
CA SER B 32 5.26 17.33 0.20
C SER B 32 6.08 17.67 -1.04
N GLY B 33 5.84 16.92 -2.12
CA GLY B 33 6.61 17.14 -3.31
C GLY B 33 8.08 16.79 -3.20
N GLY B 34 8.52 16.27 -2.05
CA GLY B 34 9.91 15.88 -1.89
C GLY B 34 10.16 14.45 -2.34
N SER B 35 11.43 14.16 -2.60
CA SER B 35 11.83 12.81 -2.94
C SER B 35 12.88 12.34 -1.96
N ALA B 36 13.19 11.03 -2.01
CA ALA B 36 14.20 10.47 -1.14
C ALA B 36 15.52 11.18 -1.27
N ALA B 37 15.80 11.80 -2.43
CA ALA B 37 17.07 12.44 -2.67
C ALA B 37 17.39 13.53 -1.66
N MET B 38 16.39 14.12 -1.02
CA MET B 38 16.68 15.18 -0.06
C MET B 38 17.50 14.66 1.12
N TYR B 39 17.50 13.35 1.37
CA TYR B 39 18.23 12.81 2.50
C TYR B 39 19.61 12.26 2.14
N TYR B 40 19.88 12.03 0.85
CA TYR B 40 21.18 11.48 0.44
C TYR B 40 22.33 12.23 1.08
N LYS B 41 22.23 13.57 1.16
CA LYS B 41 23.34 14.36 1.67
C LYS B 41 23.62 14.11 3.14
N TRP B 42 22.71 13.41 3.84
CA TRP B 42 22.87 13.14 5.25
C TRP B 42 24.01 12.16 5.50
N ARG B 43 24.26 11.25 4.56
CA ARG B 43 25.17 10.14 4.81
C ARG B 43 26.57 10.61 5.19
N SER B 44 26.92 11.86 4.91
CA SER B 44 28.27 12.32 5.19
C SER B 44 28.47 12.81 6.62
N VAL B 45 27.39 13.05 7.37
CA VAL B 45 27.51 13.45 8.77
C VAL B 45 26.87 12.49 9.74
N LEU B 46 26.14 11.49 9.25
CA LEU B 46 25.55 10.49 10.13
C LEU B 46 26.65 9.63 10.74
N SER B 47 26.50 9.31 12.03
CA SER B 47 27.43 8.41 12.70
C SER B 47 27.57 7.12 11.91
N ASP B 48 28.68 6.42 12.14
CA ASP B 48 29.05 5.32 11.27
C ASP B 48 28.16 4.10 11.47
N ASN B 49 27.67 3.89 12.68
CA ASN B 49 26.81 2.73 12.91
C ASN B 49 25.37 2.92 12.45
N ILE B 50 25.02 4.08 11.88
CA ILE B 50 23.66 4.36 11.40
C ILE B 50 23.62 4.13 9.90
N THR B 51 22.65 3.34 9.45
CA THR B 51 22.42 3.07 8.04
C THR B 51 21.26 3.93 7.55
N LEU B 52 21.51 4.79 6.57
CA LEU B 52 20.47 5.66 6.01
C LEU B 52 19.59 4.87 5.04
N ARG B 53 18.28 4.94 5.27
CA ARG B 53 17.31 4.23 4.44
C ARG B 53 16.22 5.21 4.02
N PRO B 54 16.49 6.04 3.00
CA PRO B 54 15.45 6.95 2.50
C PRO B 54 14.35 6.15 1.84
N LEU B 55 13.13 6.37 2.30
CA LEU B 55 11.96 5.73 1.72
C LEU B 55 11.35 6.65 0.67
N GLU B 56 11.05 6.09 -0.50
CA GLU B 56 10.56 6.88 -1.62
C GLU B 56 9.07 6.66 -1.80
N PRO B 57 8.23 7.69 -1.66
CA PRO B 57 6.81 7.54 -1.98
C PRO B 57 6.62 7.42 -3.48
N ALA B 58 5.51 6.81 -3.86
CA ALA B 58 5.29 6.55 -5.27
C ALA B 58 4.94 7.84 -6.00
N GLY B 59 5.29 7.89 -7.29
CA GLY B 59 4.97 9.03 -8.13
C GLY B 59 6.04 10.09 -8.26
N ARG B 60 7.23 9.89 -7.69
CA ARG B 60 8.29 10.89 -7.80
C ARG B 60 9.63 10.20 -7.53
N GLY B 61 10.71 10.87 -7.90
CA GLY B 61 12.04 10.35 -7.63
C GLY B 61 12.27 8.99 -8.24
N THR B 62 12.96 8.12 -7.49
CA THR B 62 13.29 6.78 -7.99
C THR B 62 12.05 5.95 -8.36
N ARG B 63 10.85 6.37 -7.97
CA ARG B 63 9.60 5.67 -8.27
C ARG B 63 8.65 6.54 -9.08
N ILE B 64 9.22 7.35 -9.98
CA ILE B 64 8.40 8.26 -10.77
C ILE B 64 7.38 7.50 -11.61
N ARG B 65 7.64 6.22 -11.89
CA ARG B 65 6.73 5.49 -12.77
C ARG B 65 5.52 4.89 -12.04
N GLN B 66 5.47 4.95 -10.73
CA GLN B 66 4.38 4.40 -9.92
C GLN B 66 3.26 5.44 -9.74
N PRO B 67 2.01 5.02 -9.87
CA PRO B 67 0.90 5.96 -9.69
C PRO B 67 0.96 6.65 -8.33
N LEU B 68 0.68 7.94 -8.31
CA LEU B 68 0.64 8.61 -7.03
C LEU B 68 -0.40 7.94 -6.13
N CYS B 69 -0.12 7.94 -4.82
CA CYS B 69 -1.05 7.41 -3.82
C CYS B 69 -2.14 8.41 -3.53
N LEU B 70 -3.36 7.92 -3.37
CA LEU B 70 -4.51 8.80 -3.35
C LEU B 70 -5.17 8.95 -1.97
N THR B 71 -4.79 8.15 -0.98
CA THR B 71 -5.22 8.35 0.38
C THR B 71 -4.04 8.13 1.31
N MET B 72 -4.20 8.53 2.56
CA MET B 72 -3.10 8.36 3.49
C MET B 72 -2.88 6.89 3.81
N VAL B 73 -3.95 6.12 4.00
CA VAL B 73 -3.73 4.72 4.33
C VAL B 73 -2.99 4.04 3.19
N ASP B 74 -3.35 4.36 1.94
CA ASP B 74 -2.65 3.81 0.78
C ASP B 74 -1.19 4.21 0.79
N ALA B 75 -0.90 5.49 0.99
CA ALA B 75 0.48 5.96 0.98
C ALA B 75 1.30 5.26 2.06
N VAL B 76 0.70 4.99 3.23
CA VAL B 76 1.40 4.32 4.34
C VAL B 76 1.63 2.83 4.01
N ALA B 77 0.64 2.17 3.40
CA ALA B 77 0.82 0.79 2.99
C ALA B 77 1.90 0.66 1.92
N ASP B 78 1.98 1.64 1.01
CA ASP B 78 3.02 1.68 -0.01
C ASP B 78 4.41 1.76 0.61
N LEU B 79 4.63 2.73 1.51
CA LEU B 79 5.94 2.85 2.15
C LEU B 79 6.31 1.64 2.98
N TYR B 80 5.33 0.98 3.61
CA TYR B 80 5.62 -0.25 4.34
C TYR B 80 6.30 -1.28 3.45
N GLN B 81 5.84 -1.40 2.19
CA GLN B 81 6.45 -2.39 1.29
C GLN B 81 7.92 -2.06 1.06
N GLN B 82 8.26 -0.77 0.99
CA GLN B 82 9.66 -0.35 0.90
C GLN B 82 10.43 -0.68 2.17
N PHE B 83 9.77 -0.63 3.33
CA PHE B 83 10.41 -0.90 4.62
C PHE B 83 10.69 -2.38 4.81
N VAL B 84 9.71 -3.26 4.54
CA VAL B 84 9.87 -4.67 4.87
C VAL B 84 10.91 -5.37 4.01
N LYS B 85 11.32 -4.79 2.88
CA LYS B 85 12.47 -5.34 2.15
C LYS B 85 13.78 -5.09 2.89
N HIS B 86 13.98 -3.87 3.40
CA HIS B 86 15.18 -3.56 4.16
C HIS B 86 15.16 -4.23 5.51
N TYR B 87 14.13 -3.94 6.30
CA TYR B 87 14.17 -4.20 7.72
C TYR B 87 14.30 -5.70 7.99
N THR B 88 15.38 -6.09 8.65
CA THR B 88 15.62 -7.49 8.98
C THR B 88 15.39 -7.79 10.45
N GLY B 89 14.85 -6.82 11.20
CA GLY B 89 14.42 -7.06 12.57
C GLY B 89 15.28 -6.42 13.63
N GLY B 90 16.33 -5.68 13.27
CA GLY B 90 17.21 -5.05 14.22
C GLY B 90 16.73 -3.71 14.71
N ASP B 91 17.67 -2.91 15.20
CA ASP B 91 17.35 -1.59 15.71
C ASP B 91 17.03 -0.64 14.57
N TYR B 92 16.07 0.27 14.80
CA TYR B 92 15.72 1.19 13.73
C TYR B 92 15.07 2.44 14.33
N ALA B 93 15.13 3.52 13.55
CA ALA B 93 14.41 4.74 13.86
C ALA B 93 13.76 5.23 12.57
N ILE B 94 12.92 6.25 12.71
CA ILE B 94 12.26 6.88 11.56
C ILE B 94 12.28 8.39 11.75
N PHE B 95 12.49 9.10 10.65
CA PHE B 95 12.47 10.55 10.60
C PHE B 95 11.62 10.98 9.41
N GLY B 96 10.82 12.03 9.59
CA GLY B 96 10.04 12.57 8.49
C GLY B 96 9.74 14.03 8.71
N HIS B 97 9.64 14.78 7.62
CA HIS B 97 9.44 16.22 7.69
C HIS B 97 8.06 16.55 7.17
N SER B 98 7.27 17.24 8.01
CA SER B 98 5.94 17.73 7.63
C SER B 98 4.97 16.62 7.26
N LEU B 99 4.57 16.56 5.98
CA LEU B 99 3.76 15.42 5.53
C LEU B 99 4.48 14.11 5.81
N GLY B 100 5.80 14.11 5.70
CA GLY B 100 6.56 12.91 6.02
C GLY B 100 6.53 12.59 7.50
N GLY B 101 6.37 13.60 8.35
CA GLY B 101 6.25 13.33 9.77
C GLY B 101 4.92 12.69 10.11
N ILE B 102 3.84 13.13 9.46
CA ILE B 102 2.56 12.49 9.73
C ILE B 102 2.56 11.08 9.19
N MET B 103 3.12 10.91 7.99
CA MET B 103 3.27 9.58 7.42
C MET B 103 4.19 8.71 8.25
N ALA B 104 5.17 9.30 8.92
CA ALA B 104 6.03 8.51 9.80
C ALA B 104 5.27 8.06 11.04
N PHE B 105 4.39 8.92 11.56
CA PHE B 105 3.57 8.55 12.69
C PHE B 105 2.60 7.44 12.31
N GLU B 106 1.97 7.56 11.15
CA GLU B 106 1.06 6.50 10.72
C GLU B 106 1.84 5.24 10.38
N LEU B 107 3.05 5.38 9.84
CA LEU B 107 3.83 4.20 9.47
C LEU B 107 4.26 3.39 10.69
N VAL B 108 4.78 4.04 11.75
CA VAL B 108 5.22 3.27 12.91
C VAL B 108 4.06 2.46 13.50
N HIS B 109 2.86 3.04 13.56
CA HIS B 109 1.71 2.30 14.08
C HIS B 109 1.32 1.14 13.16
N TYR B 110 1.44 1.36 11.85
CA TYR B 110 1.25 0.31 10.85
C TYR B 110 2.26 -0.83 11.03
N ILE B 111 3.55 -0.49 11.16
CA ILE B 111 4.59 -1.46 11.46
C ILE B 111 4.26 -2.22 12.75
N LEU B 112 3.81 -1.51 13.77
CA LEU B 112 3.43 -2.20 15.00
C LEU B 112 2.21 -3.09 14.78
N ASP B 113 1.28 -2.66 13.92
CA ASP B 113 0.10 -3.49 13.58
C ASP B 113 0.50 -4.83 12.98
N HIS B 114 1.58 -4.86 12.20
CA HIS B 114 2.04 -6.09 11.56
C HIS B 114 2.82 -6.98 12.52
N GLY B 115 3.29 -6.44 13.64
CA GLY B 115 3.98 -7.24 14.63
C GLY B 115 5.44 -6.94 14.83
N HIS B 116 6.02 -6.01 14.09
CA HIS B 116 7.43 -5.70 14.28
C HIS B 116 7.63 -5.05 15.64
N ASP B 117 8.88 -4.90 16.04
CA ASP B 117 9.24 -4.27 17.29
C ASP B 117 9.13 -2.76 17.19
N MET B 118 9.17 -2.13 18.36
CA MET B 118 9.15 -0.68 18.47
C MET B 118 10.45 -0.10 17.91
N PRO B 119 10.40 1.10 17.34
CA PRO B 119 11.65 1.75 16.91
C PRO B 119 12.41 2.23 18.13
N CYS B 120 13.68 2.56 17.92
CA CYS B 120 14.49 3.09 19.02
C CYS B 120 14.20 4.57 19.26
N ALA B 121 13.87 5.31 18.20
CA ALA B 121 13.47 6.69 18.37
C ALA B 121 12.66 7.08 17.16
N LEU B 122 11.99 8.22 17.28
CA LEU B 122 11.13 8.79 16.27
C LEU B 122 11.38 10.29 16.25
N PHE B 123 11.51 10.85 15.05
CA PHE B 123 11.90 12.25 14.83
C PHE B 123 10.87 12.88 13.91
N PHE B 124 10.15 13.88 14.40
CA PHE B 124 9.12 14.51 13.60
C PHE B 124 9.52 15.98 13.40
N SER B 125 9.84 16.33 12.16
CA SER B 125 10.39 17.63 11.81
C SER B 125 9.34 18.49 11.14
N GLY B 126 9.30 19.76 11.53
CA GLY B 126 8.32 20.71 10.98
C GLY B 126 6.92 20.14 10.90
N CYS B 127 6.44 19.53 11.99
CA CYS B 127 5.23 18.73 11.93
C CYS B 127 4.34 19.05 13.12
N ARG B 128 3.10 19.45 12.85
CA ARG B 128 2.10 19.61 13.90
C ARG B 128 1.64 18.24 14.42
N PRO B 129 1.22 18.16 15.69
CA PRO B 129 0.71 16.90 16.23
C PRO B 129 -0.36 16.32 15.34
N PRO B 130 -0.46 14.99 15.27
CA PRO B 130 -1.34 14.37 14.28
C PRO B 130 -2.82 14.56 14.55
N ASP B 131 -3.23 14.86 15.77
CA ASP B 131 -4.64 14.95 16.12
C ASP B 131 -5.18 16.38 16.13
N ARG B 132 -4.43 17.33 15.61
CA ARG B 132 -4.93 18.69 15.51
C ARG B 132 -5.87 18.81 14.33
N ALA B 133 -6.95 19.57 14.49
CA ALA B 133 -7.79 19.91 13.35
C ALA B 133 -7.03 20.84 12.42
N SER B 134 -7.07 20.55 11.11
CA SER B 134 -6.26 21.27 10.15
C SER B 134 -6.88 22.63 9.79
N HIS B 135 -6.13 23.42 9.02
CA HIS B 135 -6.39 24.84 8.87
C HIS B 135 -7.74 25.09 8.18
N GLU B 136 -8.10 26.37 8.08
CA GLU B 136 -9.38 26.75 7.50
C GLU B 136 -9.48 26.29 6.06
N VAL B 137 -8.51 26.71 5.23
CA VAL B 137 -8.64 26.67 3.78
C VAL B 137 -7.86 25.49 3.21
N ILE B 138 -8.41 24.88 2.17
CA ILE B 138 -7.81 23.76 1.47
C ILE B 138 -7.24 24.25 0.14
N LEU B 139 -5.98 23.90 -0.14
CA LEU B 139 -5.29 24.39 -1.33
C LEU B 139 -5.29 23.40 -2.48
N HIS B 140 -5.40 22.10 -2.21
CA HIS B 140 -5.27 21.12 -3.28
C HIS B 140 -6.42 21.24 -4.28
N THR B 141 -7.45 21.97 -3.93
CA THR B 141 -8.64 22.14 -4.75
C THR B 141 -8.52 23.31 -5.72
N LEU B 142 -7.50 24.15 -5.56
CA LEU B 142 -7.29 25.23 -6.52
C LEU B 142 -6.82 24.68 -7.86
N PRO B 143 -7.16 25.37 -8.96
CA PRO B 143 -6.53 25.04 -10.23
C PRO B 143 -5.02 25.19 -10.13
N ASP B 144 -4.31 24.54 -11.05
CA ASP B 144 -2.94 24.13 -10.78
C ASP B 144 -2.05 25.31 -10.37
N GLN B 145 -1.80 26.26 -11.27
CA GLN B 145 -0.86 27.33 -10.91
C GLN B 145 -1.53 28.44 -10.10
N ALA B 146 -2.85 28.41 -9.96
CA ALA B 146 -3.46 29.11 -8.84
C ALA B 146 -3.04 28.47 -7.52
N PHE B 147 -3.06 27.14 -7.48
CA PHE B 147 -2.48 26.42 -6.36
C PHE B 147 -1.00 26.78 -6.20
N MET B 148 -0.25 26.72 -7.29
CA MET B 148 1.20 26.83 -7.21
C MET B 148 1.66 28.23 -6.81
N GLU B 149 0.80 29.25 -6.90
CA GLU B 149 1.16 30.57 -6.39
C GLU B 149 0.88 30.71 -4.90
N GLU B 150 -0.05 29.92 -4.37
CA GLU B 150 -0.35 29.98 -2.94
C GLU B 150 0.57 29.11 -2.10
N ILE B 151 1.38 28.25 -2.71
CA ILE B 151 2.42 27.53 -1.97
C ILE B 151 3.82 28.05 -2.29
N VAL B 152 3.91 29.18 -3.00
CA VAL B 152 5.21 29.81 -3.23
C VAL B 152 5.62 30.65 -2.03
N LYS B 153 4.74 30.83 -1.07
CA LYS B 153 5.06 31.57 0.15
C LYS B 153 6.16 30.87 0.96
N LEU B 154 5.88 29.70 1.54
CA LEU B 154 6.90 28.86 2.17
C LEU B 154 6.41 27.44 2.39
N GLY B 155 6.29 26.67 1.30
CA GLY B 155 5.74 25.33 1.38
C GLY B 155 6.14 24.41 0.24
N GLY B 156 7.04 24.90 -0.62
CA GLY B 156 7.52 24.14 -1.77
C GLY B 156 9.01 23.87 -1.75
N THR B 157 9.82 24.90 -1.51
CA THR B 157 11.26 24.69 -1.46
C THR B 157 12.01 26.01 -1.36
N PRO B 158 13.13 26.07 -0.61
CA PRO B 158 13.94 27.30 -0.60
C PRO B 158 15.15 27.27 -1.53
N VAL B 159 15.81 26.11 -1.68
CA VAL B 159 17.01 26.01 -2.50
C VAL B 159 16.77 25.33 -3.85
N ASP B 160 15.62 24.69 -4.04
CA ASP B 160 15.25 24.07 -5.29
C ASP B 160 14.19 24.91 -6.00
N VAL B 161 14.37 26.22 -6.01
CA VAL B 161 13.32 27.11 -6.47
C VAL B 161 13.29 27.18 -8.00
N PHE B 162 12.56 26.26 -8.63
CA PHE B 162 12.31 26.40 -10.05
C PHE B 162 11.40 27.59 -10.31
N ARG B 163 11.51 28.11 -11.53
CA ARG B 163 10.66 29.16 -12.08
C ARG B 163 10.13 28.85 -13.46
N ASN B 164 10.89 28.12 -14.30
CA ASN B 164 10.47 27.86 -15.67
C ASN B 164 9.22 26.99 -15.73
N LYS B 165 8.52 27.09 -16.86
CA LYS B 165 7.24 26.41 -17.04
C LYS B 165 7.40 24.91 -17.21
N GLU B 166 8.55 24.45 -17.73
CA GLU B 166 8.80 23.03 -17.89
C GLU B 166 8.73 22.31 -16.55
N LEU B 167 9.58 22.72 -15.60
CA LEU B 167 9.56 22.11 -14.27
C LEU B 167 8.20 22.28 -13.63
N MET B 168 7.60 23.47 -13.74
CA MET B 168 6.23 23.67 -13.30
C MET B 168 5.35 22.50 -13.73
N THR B 169 5.37 22.18 -15.02
CA THR B 169 4.45 21.19 -15.58
C THR B 169 4.52 19.86 -14.85
N ILE B 170 5.73 19.45 -14.48
CA ILE B 170 5.96 18.13 -13.91
C ILE B 170 5.82 18.14 -12.39
N PHE B 171 6.45 19.11 -11.75
CA PHE B 171 6.44 19.14 -10.30
C PHE B 171 5.04 19.35 -9.74
N THR B 172 4.19 20.13 -10.41
CA THR B 172 2.98 20.61 -9.75
C THR B 172 2.02 19.48 -9.35
N PRO B 173 1.73 18.49 -10.20
CA PRO B 173 0.77 17.43 -9.80
C PRO B 173 1.26 16.59 -8.62
N ILE B 174 2.58 16.52 -8.43
CA ILE B 174 3.14 15.74 -7.34
C ILE B 174 2.97 16.47 -6.01
N ILE B 175 3.49 17.69 -5.92
CA ILE B 175 3.32 18.44 -4.67
C ILE B 175 1.83 18.66 -4.39
N LYS B 176 1.01 18.84 -5.43
CA LYS B 176 -0.43 19.07 -5.24
C LYS B 176 -1.11 17.81 -4.72
N ASN B 177 -0.76 16.64 -5.27
CA ASN B 177 -1.30 15.41 -4.70
C ASN B 177 -0.85 15.21 -3.25
N ASP B 178 0.39 15.61 -2.94
CA ASP B 178 0.88 15.49 -1.56
C ASP B 178 0.12 16.41 -0.61
N TYR B 179 -0.19 17.63 -1.06
CA TYR B 179 -1.04 18.51 -0.27
C TYR B 179 -2.42 17.91 -0.06
N ARG B 180 -3.00 17.35 -1.12
CA ARG B 180 -4.25 16.61 -1.01
C ARG B 180 -4.17 15.52 0.05
N LEU B 181 -3.10 14.71 0.02
CA LEU B 181 -2.94 13.65 1.00
C LEU B 181 -3.01 14.20 2.42
N TYR B 182 -2.32 15.32 2.67
CA TYR B 182 -2.24 15.85 4.03
C TYR B 182 -3.55 16.51 4.45
N GLU B 183 -4.19 17.23 3.52
CA GLU B 183 -5.40 17.99 3.81
C GLU B 183 -6.64 17.11 3.95
N GLN B 184 -6.62 15.89 3.45
CA GLN B 184 -7.74 14.98 3.57
C GLN B 184 -7.53 13.94 4.65
N TYR B 185 -6.41 14.03 5.36
CA TYR B 185 -6.09 13.11 6.44
C TYR B 185 -7.02 13.31 7.62
N VAL B 186 -7.64 12.23 8.06
CA VAL B 186 -8.47 12.22 9.27
C VAL B 186 -7.80 11.31 10.29
N PHE B 187 -7.25 11.92 11.33
CA PHE B 187 -6.65 11.17 12.42
C PHE B 187 -7.70 10.29 13.09
N GLN B 188 -7.35 9.02 13.30
CA GLN B 188 -8.12 8.14 14.17
C GLN B 188 -7.20 7.58 15.26
N ALA B 189 -7.76 7.43 16.45
CA ALA B 189 -6.98 7.05 17.62
C ALA B 189 -6.34 5.68 17.43
N LYS B 190 -5.16 5.53 18.04
CA LYS B 190 -4.27 4.39 17.82
C LYS B 190 -4.38 3.33 18.90
N ALA B 191 -4.11 2.10 18.49
CA ALA B 191 -4.16 0.86 19.26
C ALA B 191 -3.21 0.84 20.46
N ARG B 192 -2.36 1.84 20.64
CA ARG B 192 -1.32 1.73 21.65
C ARG B 192 -0.69 3.10 21.88
N THR B 193 0.06 3.20 22.96
CA THR B 193 0.99 4.30 23.15
C THR B 193 2.40 3.82 22.78
N LEU B 194 3.14 4.70 22.10
CA LEU B 194 4.52 4.40 21.79
C LEU B 194 5.34 4.42 23.07
N THR B 195 6.48 3.73 23.05
CA THR B 195 7.33 3.64 24.23
C THR B 195 8.77 4.03 23.95
N CYS B 196 9.03 4.76 22.86
CA CYS B 196 10.34 5.31 22.56
C CYS B 196 10.33 6.83 22.67
N PRO B 197 11.50 7.45 22.81
CA PRO B 197 11.55 8.91 22.83
C PRO B 197 11.13 9.50 21.49
N ILE B 198 10.51 10.68 21.54
CA ILE B 198 10.11 11.43 20.37
C ILE B 198 10.91 12.72 20.33
N VAL B 199 11.52 13.03 19.20
CA VAL B 199 12.28 14.26 19.03
C VAL B 199 11.56 15.11 18.00
N LEU B 200 11.24 16.35 18.39
CA LEU B 200 10.58 17.32 17.52
C LEU B 200 11.60 18.37 17.10
N PHE B 201 11.54 18.76 15.82
CA PHE B 201 12.38 19.80 15.25
C PHE B 201 11.48 20.92 14.76
N HIS B 202 11.77 22.16 15.16
CA HIS B 202 10.92 23.29 14.81
C HIS B 202 11.75 24.49 14.41
N GLY B 203 11.44 25.07 13.24
CA GLY B 203 12.06 26.32 12.81
C GLY B 203 11.33 27.50 13.42
N ASP B 204 12.09 28.39 14.07
CA ASP B 204 11.48 29.46 14.86
C ASP B 204 10.69 30.43 13.99
N ALA B 205 11.09 30.60 12.73
CA ALA B 205 10.36 31.44 11.80
C ALA B 205 9.46 30.62 10.88
N ASP B 206 8.96 29.48 11.35
CA ASP B 206 8.07 28.60 10.59
C ASP B 206 6.63 28.91 11.01
N ASN B 207 5.88 29.56 10.12
CA ASN B 207 4.52 29.99 10.42
C ASN B 207 3.49 28.87 10.25
N LEU B 208 3.87 27.77 9.58
CA LEU B 208 3.03 26.59 9.38
C LEU B 208 2.92 25.71 10.62
N VAL B 209 3.75 25.91 11.62
CA VAL B 209 3.72 25.15 12.86
C VAL B 209 3.67 26.12 14.03
N MET B 210 2.98 25.72 15.09
CA MET B 210 2.86 26.53 16.30
C MET B 210 3.68 25.90 17.42
N GLN B 211 4.67 26.63 17.89
CA GLN B 211 5.57 26.17 18.95
C GLN B 211 4.86 25.55 20.16
N ASP B 212 3.91 26.29 20.71
CA ASP B 212 3.18 25.84 21.89
C ASP B 212 2.35 24.58 21.68
N GLU B 213 1.87 24.37 20.45
CA GLU B 213 1.04 23.23 20.16
C GLU B 213 1.79 21.89 20.19
N LEU B 214 3.12 21.93 20.10
CA LEU B 214 3.90 20.69 20.03
C LEU B 214 3.76 19.88 21.31
N LEU B 215 3.47 20.53 22.43
CA LEU B 215 3.08 19.88 23.68
C LEU B 215 2.15 18.69 23.45
N ALA B 216 1.24 18.83 22.48
CA ALA B 216 0.27 17.78 22.19
C ALA B 216 0.94 16.49 21.73
N TRP B 217 2.19 16.56 21.25
CA TRP B 217 2.90 15.36 20.86
C TRP B 217 3.21 14.45 22.04
N GLU B 218 3.25 15.02 23.24
CA GLU B 218 3.70 14.26 24.41
C GLU B 218 2.84 13.03 24.68
N LYS B 219 1.53 13.11 24.44
CA LYS B 219 0.69 11.99 24.85
C LYS B 219 0.93 10.73 24.04
N PHE B 220 1.56 10.86 22.87
CA PHE B 220 1.69 9.74 21.94
C PHE B 220 2.80 8.78 22.31
N THR B 221 3.64 9.11 23.31
CA THR B 221 4.67 8.21 23.81
C THR B 221 4.72 8.29 25.32
N THR B 222 5.17 7.20 25.93
CA THR B 222 5.38 7.12 27.37
C THR B 222 6.76 7.61 27.81
N ARG B 223 7.67 7.87 26.86
CA ARG B 223 9.00 8.34 27.18
C ARG B 223 9.08 9.83 26.92
N LYS B 224 10.30 10.37 26.93
CA LYS B 224 10.49 11.80 26.81
C LYS B 224 10.19 12.31 25.41
N THR B 225 9.54 13.46 25.34
CA THR B 225 9.45 14.24 24.11
C THR B 225 10.32 15.48 24.27
N ARG B 226 11.22 15.68 23.31
CA ARG B 226 12.21 16.76 23.32
C ARG B 226 11.99 17.65 22.11
N THR B 227 11.72 18.95 22.34
CA THR B 227 11.57 19.92 21.26
C THR B 227 12.89 20.66 21.06
N ILE B 228 13.29 20.81 19.80
CA ILE B 228 14.54 21.43 19.40
C ILE B 228 14.19 22.51 18.38
N ILE B 229 14.41 23.77 18.73
CA ILE B 229 13.97 24.90 17.92
C ILE B 229 15.17 25.57 17.29
N PHE B 230 15.13 25.76 15.98
CA PHE B 230 16.21 26.39 15.26
C PHE B 230 15.93 27.88 15.16
N PRO B 231 16.68 28.74 15.84
CA PRO B 231 16.31 30.15 15.90
C PRO B 231 16.41 30.81 14.53
N ALA B 232 15.34 31.49 14.14
CA ALA B 232 15.29 32.32 12.93
C ALA B 232 15.17 31.52 11.62
N ALA B 233 14.84 30.23 11.69
CA ALA B 233 14.80 29.40 10.50
C ALA B 233 13.35 29.10 10.11
N ASP B 234 13.13 28.93 8.81
CA ASP B 234 11.80 28.69 8.28
C ASP B 234 11.52 27.19 8.18
N HIS B 235 10.45 26.82 7.47
CA HIS B 235 10.00 25.43 7.37
C HIS B 235 11.04 24.50 6.76
N PHE B 236 11.98 25.01 6.00
CA PHE B 236 12.94 24.14 5.35
C PHE B 236 14.31 24.21 6.01
N PHE B 237 14.32 24.46 7.33
CA PHE B 237 15.54 24.30 8.12
C PHE B 237 16.16 22.93 7.88
N VAL B 238 15.31 21.92 7.67
CA VAL B 238 15.75 20.53 7.49
C VAL B 238 16.77 20.41 6.38
N ASP B 239 16.68 21.27 5.35
CA ASP B 239 17.60 21.28 4.22
C ASP B 239 18.77 22.25 4.43
N LYS B 240 18.46 23.49 4.81
CA LYS B 240 19.49 24.53 4.94
C LYS B 240 20.39 24.29 6.16
N HIS B 241 19.88 23.67 7.22
CA HIS B 241 20.64 23.35 8.41
C HIS B 241 20.74 21.84 8.63
N PHE B 242 20.79 21.07 7.55
CA PHE B 242 20.74 19.63 7.68
C PHE B 242 21.89 19.08 8.55
N GLU B 243 23.04 19.75 8.58
CA GLU B 243 24.15 19.27 9.41
C GLU B 243 23.83 19.37 10.89
N GLN B 244 23.07 20.38 11.28
CA GLN B 244 22.68 20.50 12.68
C GLN B 244 21.53 19.56 13.04
N VAL B 245 20.59 19.31 12.12
CA VAL B 245 19.55 18.32 12.39
C VAL B 245 20.17 16.94 12.55
N VAL B 246 21.15 16.61 11.70
CA VAL B 246 21.77 15.29 11.82
C VAL B 246 22.59 15.19 13.11
N GLY B 247 23.11 16.32 13.59
CA GLY B 247 23.85 16.29 14.85
C GLY B 247 22.98 15.84 16.02
N TYR B 248 21.73 16.30 16.05
CA TYR B 248 20.77 15.90 17.09
C TYR B 248 20.23 14.48 16.89
N VAL B 249 20.17 14.00 15.64
CA VAL B 249 19.87 12.58 15.42
C VAL B 249 20.98 11.73 16.04
N ASN B 250 22.23 11.98 15.60
CA ASN B 250 23.38 11.26 16.14
C ASN B 250 23.40 11.30 17.66
N GLN B 251 23.18 12.50 18.24
CA GLN B 251 23.18 12.69 19.69
C GLN B 251 22.10 11.88 20.39
N THR B 252 20.88 11.91 19.84
CA THR B 252 19.81 11.08 20.39
C THR B 252 20.17 9.61 20.37
N ILE B 253 20.64 9.11 19.23
CA ILE B 253 20.93 7.69 19.10
C ILE B 253 22.16 7.31 19.94
N GLU B 254 23.16 8.19 20.00
CA GLU B 254 24.28 7.97 20.91
C GLU B 254 23.79 7.79 22.34
N SER B 255 23.01 8.75 22.84
CA SER B 255 22.53 8.69 24.22
C SER B 255 21.71 7.43 24.50
N LEU B 256 20.96 6.93 23.51
CA LEU B 256 20.21 5.69 23.67
C LEU B 256 21.12 4.47 23.72
N GLU B 257 22.23 4.50 22.98
CA GLU B 257 23.23 3.44 23.11
C GLU B 257 23.81 3.36 24.51
N ILE B 258 23.78 4.45 25.27
CA ILE B 258 24.41 4.52 26.59
C ILE B 258 23.43 4.00 27.63
N VAL B 259 22.25 4.64 27.70
CA VAL B 259 21.29 4.33 28.76
C VAL B 259 20.09 3.50 28.27
N GLY B 260 19.92 3.35 26.96
CA GLY B 260 18.80 2.59 26.43
C GLY B 260 17.46 3.29 26.52
#